data_8P7L
#
_entry.id   8P7L
#
_cell.length_a   1.00
_cell.length_b   1.00
_cell.length_c   1.00
_cell.angle_alpha   90.00
_cell.angle_beta   90.00
_cell.angle_gamma   90.00
#
_symmetry.space_group_name_H-M   'P 1'
#
loop_
_entity.id
_entity.type
_entity.pdbx_description
1 polymer 'CDK-activating kinase assembly factor MAT1'
2 polymer 'Cyclin-dependent kinase 7'
3 non-polymer 2-[(3S)-piperidin-3-yl]oxy-8-propan-2-yl-N-[(2-pyrazol-1-ylphenyl)methyl]pyrazolo[1,5-a][1,3,5]triazin-4-amine
4 water water
#
loop_
_entity_poly.entity_id
_entity_poly.type
_entity_poly.pdbx_seq_one_letter_code
_entity_poly.pdbx_strand_id
1 'polypeptide(L)'
;MGSSHHHHHHENLYFQSNAMDDQGCPRCKTTKYRNPSLKLMVNVCGHTLCESCVDLLFVRGAGNCPECGTPLRKSNFRVQ
LFEDPTVDKEVEIRKKVLKIYNKREEDFPSLREYNDFLEEVEEIVFNLTNNVDLDNTKKKMEIYQKENKDVIQKNKLKLT
REQEELEEALEVERQENEQRRLFIQKEEQLQQILKRKNKQAFLDELESSDLPVALLLAQHKDRSTQLEMQLEKPKPVKPV
TFSTGIKMGQHISLAPIHKLEEALYEYQPLQIETYGPHVPELEMLGRLGYLNHVRAASPQDLAGGYTSSLACHRALQDAF
SGLFWQPS
;
H
2 'polypeptide(L)'
;SNAYSPTSPSYAPTAPAYSPTSPSGGSGSGSSGMALDVKSRAKRYEKLDFLGEGQFATVYKARDKNTNQIVAIKKIKLGH
RSEAKDGINRTALREIKLLQELSHPNIIGLLDAFGHKSNISLVFDFMETDLEVIIKDNSLVLTPSHIKAYMLMTLQGLEY
LHQHWILHRDLKPNNLLLDENGVLKLADFGLAKSFGSPNRAYTHQVVTRWYRAPELLFGARMYGVGVDMWAVGCILAELL
LRVPFLPGDSDLDQLTRIFETLGTPTEEQWPDMCSLPDYVTFKSFPGIPLHHIFSAAGDDLLDLIQGLFLFNPCARITAT
QALKMKYFSNRPGPTPGCQLPRPNCPVETLKEQSNPALAIKRKRTEALEQGGLPKKLIF
;
J
#
loop_
_chem_comp.id
_chem_comp.type
_chem_comp.name
_chem_comp.formula
WD9 non-polymer 2-[(3S)-piperidin-3-yl]oxy-8-propan-2-yl-N-[(2-pyrazol-1-ylphenyl)methyl]pyrazolo[1,5-a][1,3,5]triazin-4-amine 'C23 H28 N8 O'
#
# COMPACT_ATOMS: atom_id res chain seq x y z
N ALA A 263 20.12 -0.56 -16.34
CA ALA A 263 20.09 0.82 -15.88
C ALA A 263 19.83 0.89 -14.38
N LEU A 264 20.90 1.04 -13.61
CA LEU A 264 20.79 1.08 -12.16
C LEU A 264 20.02 2.31 -11.72
N TYR A 265 19.09 2.12 -10.78
CA TYR A 265 18.33 3.21 -10.22
C TYR A 265 19.15 3.97 -9.20
N GLU A 266 18.96 5.29 -9.14
CA GLU A 266 19.60 6.11 -8.14
C GLU A 266 18.58 7.09 -7.58
N TYR A 267 18.63 7.32 -6.28
CA TYR A 267 17.61 8.13 -5.62
C TYR A 267 17.67 9.58 -6.09
N GLN A 268 16.53 10.27 -6.00
CA GLN A 268 16.47 11.70 -6.22
C GLN A 268 15.48 12.29 -5.22
N PRO A 269 15.89 13.31 -4.44
CA PRO A 269 15.01 14.01 -3.51
C PRO A 269 13.80 14.63 -4.18
N ALA A 297 4.47 13.76 22.18
CA ALA A 297 3.64 12.61 21.81
C ALA A 297 3.58 11.59 22.94
N SER A 298 2.39 11.05 23.16
CA SER A 298 2.18 10.06 24.20
C SER A 298 2.81 8.73 23.78
N PRO A 299 3.07 7.84 24.73
CA PRO A 299 3.61 6.52 24.36
C PRO A 299 2.77 5.75 23.36
N GLN A 300 1.44 5.94 23.37
CA GLN A 300 0.59 5.31 22.37
C GLN A 300 0.96 5.78 20.96
N ASP A 301 1.08 7.10 20.79
CA ASP A 301 1.44 7.66 19.49
C ASP A 301 2.84 7.21 19.07
N LEU A 302 3.78 7.19 20.03
CA LEU A 302 5.12 6.70 19.72
C LEU A 302 5.10 5.25 19.27
N ALA A 303 4.33 4.41 19.95
CA ALA A 303 4.20 3.02 19.55
C ALA A 303 3.57 2.88 18.17
N GLY A 304 2.64 3.78 17.84
CA GLY A 304 2.04 3.74 16.52
C GLY A 304 2.86 4.36 15.42
N GLY A 305 3.86 5.16 15.77
CA GLY A 305 4.68 5.85 14.80
C GLY A 305 4.53 7.35 14.75
N TYR A 306 3.81 7.96 15.69
CA TYR A 306 3.64 9.41 15.77
C TYR A 306 4.63 9.93 16.81
N THR A 307 5.60 10.71 16.37
CA THR A 307 6.75 11.08 17.18
C THR A 307 6.77 12.53 17.62
N SER A 308 5.71 13.30 17.35
CA SER A 308 5.59 14.70 17.75
C SER A 308 6.53 15.60 16.96
N SER A 309 7.40 15.00 16.14
CA SER A 309 8.16 15.75 15.15
C SER A 309 7.42 15.84 13.83
N LEU A 310 6.54 14.88 13.54
CA LEU A 310 5.71 14.95 12.34
C LEU A 310 4.80 16.17 12.38
N ALA A 311 4.18 16.41 13.52
CA ALA A 311 3.31 17.59 13.66
C ALA A 311 4.10 18.88 13.52
N CYS A 312 5.27 18.95 14.15
CA CYS A 312 6.09 20.15 14.07
C CYS A 312 6.55 20.41 12.64
N HIS A 313 6.94 19.35 11.93
CA HIS A 313 7.34 19.51 10.53
C HIS A 313 6.16 19.92 9.66
N ARG A 314 4.98 19.38 9.94
CA ARG A 314 3.78 19.78 9.21
C ARG A 314 3.41 21.23 9.52
N ALA A 315 3.42 21.59 10.81
CA ALA A 315 3.06 22.95 11.23
C ALA A 315 4.16 23.94 10.88
N LYS B 43 -20.71 13.81 -17.99
CA LYS B 43 -21.92 13.31 -18.62
C LYS B 43 -21.62 12.92 -20.07
N ARG B 44 -20.37 13.17 -20.48
CA ARG B 44 -19.91 12.93 -21.83
C ARG B 44 -19.21 11.58 -21.99
N TYR B 45 -19.30 10.71 -21.00
CA TYR B 45 -18.63 9.42 -21.01
C TYR B 45 -19.62 8.33 -21.40
N GLU B 46 -19.24 7.53 -22.40
CA GLU B 46 -20.07 6.39 -22.82
C GLU B 46 -19.58 5.13 -22.14
N LYS B 47 -20.52 4.25 -21.81
CA LYS B 47 -20.19 3.00 -21.13
C LYS B 47 -19.84 1.92 -22.15
N LEU B 48 -18.78 1.16 -21.87
CA LEU B 48 -18.34 0.09 -22.75
C LEU B 48 -18.44 -1.27 -22.08
N ASP B 49 -17.80 -1.47 -20.93
CA ASP B 49 -17.76 -2.77 -20.27
C ASP B 49 -18.01 -2.59 -18.79
N PHE B 50 -18.66 -3.58 -18.20
CA PHE B 50 -18.83 -3.66 -16.75
C PHE B 50 -17.69 -4.47 -16.17
N LEU B 51 -17.20 -4.07 -14.99
CA LEU B 51 -16.00 -4.67 -14.44
C LEU B 51 -16.20 -5.37 -13.11
N GLY B 52 -17.12 -4.91 -12.27
CA GLY B 52 -17.35 -5.58 -11.00
C GLY B 52 -18.08 -4.68 -10.02
N GLU B 53 -18.41 -5.28 -8.88
CA GLU B 53 -19.08 -4.57 -7.80
C GLU B 53 -18.34 -4.83 -6.50
N GLY B 54 -18.40 -3.87 -5.59
CA GLY B 54 -17.78 -3.96 -4.29
C GLY B 54 -18.73 -3.59 -3.18
N GLN B 55 -18.15 -3.21 -2.04
CA GLN B 55 -18.96 -2.75 -0.92
C GLN B 55 -19.51 -1.35 -1.15
N PHE B 56 -18.80 -0.53 -1.91
CA PHE B 56 -19.15 0.88 -2.07
C PHE B 56 -19.72 1.23 -3.43
N ALA B 57 -19.27 0.59 -4.50
CA ALA B 57 -19.59 1.08 -5.83
C ALA B 57 -19.38 -0.01 -6.87
N THR B 58 -19.84 0.27 -8.08
CA THR B 58 -19.66 -0.60 -9.24
C THR B 58 -18.85 0.13 -10.29
N VAL B 59 -17.96 -0.60 -10.97
CA VAL B 59 -16.98 -0.01 -11.87
C VAL B 59 -17.29 -0.40 -13.30
N TYR B 60 -17.16 0.55 -14.21
CA TYR B 60 -17.37 0.32 -15.63
C TYR B 60 -16.25 0.95 -16.44
N LYS B 61 -15.76 0.21 -17.43
CA LYS B 61 -14.86 0.79 -18.41
C LYS B 61 -15.65 1.72 -19.32
N ALA B 62 -15.14 2.93 -19.55
CA ALA B 62 -15.89 3.95 -20.27
C ALA B 62 -14.95 4.69 -21.21
N ARG B 63 -15.55 5.38 -22.17
CA ARG B 63 -14.82 6.16 -23.16
C ARG B 63 -15.24 7.62 -23.06
N ASP B 64 -14.24 8.51 -23.08
CA ASP B 64 -14.51 9.93 -23.25
C ASP B 64 -14.83 10.20 -24.72
N LYS B 65 -16.03 10.70 -24.98
CA LYS B 65 -16.44 10.92 -26.36
C LYS B 65 -15.62 12.00 -27.05
N ASN B 66 -15.09 12.97 -26.27
CA ASN B 66 -14.40 14.09 -26.88
C ASN B 66 -13.01 13.71 -27.37
N THR B 67 -12.38 12.71 -26.77
CA THR B 67 -11.01 12.35 -27.12
C THR B 67 -10.77 10.86 -27.31
N ASN B 68 -11.79 10.02 -27.15
CA ASN B 68 -11.66 8.56 -27.27
C ASN B 68 -10.60 8.03 -26.29
N GLN B 69 -10.70 8.49 -25.05
CA GLN B 69 -9.84 8.03 -23.97
C GLN B 69 -10.56 6.97 -23.15
N ILE B 70 -9.80 5.98 -22.67
CA ILE B 70 -10.34 4.91 -21.85
C ILE B 70 -10.19 5.29 -20.39
N VAL B 71 -11.30 5.25 -19.65
CA VAL B 71 -11.33 5.64 -18.24
C VAL B 71 -12.14 4.59 -17.48
N ALA B 72 -12.05 4.66 -16.16
CA ALA B 72 -12.82 3.80 -15.28
C ALA B 72 -13.79 4.67 -14.50
N ILE B 73 -15.08 4.37 -14.61
CA ILE B 73 -16.13 5.11 -13.92
C ILE B 73 -16.59 4.26 -12.74
N LYS B 74 -16.37 4.78 -11.54
CA LYS B 74 -16.80 4.14 -10.31
C LYS B 74 -18.09 4.82 -9.88
N LYS B 75 -19.23 4.17 -10.14
CA LYS B 75 -20.53 4.71 -9.79
C LYS B 75 -20.91 4.17 -8.42
N ILE B 76 -21.15 5.08 -7.47
CA ILE B 76 -21.38 4.68 -6.08
C ILE B 76 -22.79 4.14 -5.94
N LYS B 77 -22.90 2.90 -5.50
CA LYS B 77 -24.19 2.22 -5.40
C LYS B 77 -25.05 2.79 -4.28
N ALA B 84 -28.55 5.95 3.96
CA ALA B 84 -29.42 6.69 3.05
C ALA B 84 -29.68 8.10 3.57
N LYS B 85 -30.02 9.00 2.66
CA LYS B 85 -30.35 10.41 2.93
C LYS B 85 -29.26 11.13 3.73
N ASP B 86 -28.06 10.55 3.79
CA ASP B 86 -26.89 11.25 4.30
C ASP B 86 -26.16 12.03 3.21
N GLY B 87 -26.67 12.02 1.99
CA GLY B 87 -26.06 12.72 0.89
C GLY B 87 -25.15 11.84 0.06
N ILE B 88 -24.20 12.49 -0.60
CA ILE B 88 -23.19 11.77 -1.37
C ILE B 88 -22.36 10.91 -0.42
N ASN B 89 -21.96 9.73 -0.89
CA ASN B 89 -21.21 8.80 -0.06
C ASN B 89 -19.91 9.41 0.42
N ARG B 90 -19.62 9.25 1.71
CA ARG B 90 -18.43 9.84 2.28
C ARG B 90 -17.15 9.23 1.71
N THR B 91 -17.22 7.99 1.21
CA THR B 91 -16.06 7.39 0.57
C THR B 91 -15.74 8.09 -0.76
N ALA B 92 -16.77 8.37 -1.56
CA ALA B 92 -16.57 9.10 -2.81
C ALA B 92 -16.02 10.49 -2.55
N LEU B 93 -16.57 11.19 -1.54
CA LEU B 93 -16.10 12.53 -1.22
C LEU B 93 -14.66 12.48 -0.69
N ARG B 94 -14.33 11.46 0.09
CA ARG B 94 -12.95 11.32 0.58
C ARG B 94 -11.99 11.12 -0.59
N GLU B 95 -12.34 10.24 -1.53
CA GLU B 95 -11.47 10.02 -2.68
C GLU B 95 -11.33 11.30 -3.50
N ILE B 96 -12.45 12.03 -3.70
CA ILE B 96 -12.39 13.28 -4.45
C ILE B 96 -11.47 14.27 -3.76
N LYS B 97 -11.69 14.49 -2.46
CA LYS B 97 -10.94 15.53 -1.75
C LYS B 97 -9.46 15.21 -1.67
N LEU B 98 -9.09 13.93 -1.63
CA LEU B 98 -7.68 13.59 -1.56
C LEU B 98 -7.03 13.60 -2.94
N LEU B 99 -7.69 13.02 -3.94
CA LEU B 99 -7.09 12.93 -5.26
C LEU B 99 -7.10 14.25 -6.01
N GLN B 100 -7.86 15.25 -5.55
CA GLN B 100 -7.75 16.57 -6.17
C GLN B 100 -6.44 17.26 -5.79
N GLU B 101 -5.88 16.93 -4.62
CA GLU B 101 -4.68 17.60 -4.13
C GLU B 101 -3.39 16.87 -4.47
N LEU B 102 -3.45 15.78 -5.23
CA LEU B 102 -2.28 14.96 -5.50
C LEU B 102 -2.05 14.83 -7.01
N SER B 103 -0.77 14.79 -7.38
CA SER B 103 -0.41 14.60 -8.79
C SER B 103 0.97 13.95 -8.83
N HIS B 104 0.99 12.65 -9.07
CA HIS B 104 2.22 11.87 -9.17
C HIS B 104 1.97 10.69 -10.10
N PRO B 105 2.97 10.27 -10.87
CA PRO B 105 2.76 9.14 -11.79
C PRO B 105 2.41 7.83 -11.10
N ASN B 106 2.69 7.69 -9.80
CA ASN B 106 2.41 6.46 -9.07
C ASN B 106 1.25 6.63 -8.10
N ILE B 107 0.34 7.56 -8.38
CA ILE B 107 -0.91 7.71 -7.63
C ILE B 107 -2.03 7.82 -8.64
N ILE B 108 -3.12 7.09 -8.40
CA ILE B 108 -4.23 7.08 -9.36
C ILE B 108 -4.81 8.49 -9.47
N GLY B 109 -5.05 8.93 -10.70
CA GLY B 109 -5.50 10.26 -10.96
C GLY B 109 -7.00 10.34 -11.13
N LEU B 110 -7.63 11.16 -10.29
CA LEU B 110 -9.04 11.47 -10.45
C LEU B 110 -9.21 12.45 -11.60
N LEU B 111 -9.92 12.03 -12.65
CA LEU B 111 -10.12 12.87 -13.82
C LEU B 111 -11.45 13.61 -13.81
N ASP B 112 -12.49 13.05 -13.19
CA ASP B 112 -13.77 13.73 -13.23
C ASP B 112 -14.66 13.20 -12.12
N ALA B 113 -15.76 13.90 -11.86
CA ALA B 113 -16.77 13.46 -10.92
C ALA B 113 -18.10 14.08 -11.31
N PHE B 114 -19.08 13.26 -11.65
CA PHE B 114 -20.37 13.77 -12.07
C PHE B 114 -21.47 12.86 -11.55
N GLY B 115 -22.69 13.38 -11.48
CA GLY B 115 -23.80 12.54 -11.06
C GLY B 115 -25.07 13.34 -10.84
N HIS B 116 -26.02 12.67 -10.20
CA HIS B 116 -27.33 13.22 -9.89
C HIS B 116 -27.50 13.24 -8.37
N LYS B 117 -28.71 13.57 -7.93
CA LYS B 117 -29.00 13.71 -6.51
C LYS B 117 -28.50 12.54 -5.69
N SER B 118 -27.51 12.80 -4.83
CA SER B 118 -26.96 11.84 -3.89
C SER B 118 -26.29 10.64 -4.55
N ASN B 119 -26.20 10.61 -5.88
CA ASN B 119 -25.52 9.54 -6.59
C ASN B 119 -24.43 10.14 -7.46
N ILE B 120 -23.23 9.57 -7.39
CA ILE B 120 -22.07 10.16 -8.04
C ILE B 120 -21.22 9.05 -8.65
N SER B 121 -20.60 9.37 -9.78
CA SER B 121 -19.64 8.52 -10.46
C SER B 121 -18.33 9.27 -10.59
N LEU B 122 -17.23 8.56 -10.29
CA LEU B 122 -15.90 9.11 -10.29
C LEU B 122 -15.12 8.54 -11.46
N VAL B 123 -14.51 9.42 -12.26
CA VAL B 123 -13.81 9.01 -13.47
C VAL B 123 -12.32 9.06 -13.19
N PHE B 124 -11.70 7.88 -13.17
CA PHE B 124 -10.27 7.67 -13.00
C PHE B 124 -9.65 7.21 -14.31
N ASP B 125 -8.32 7.23 -14.36
CA ASP B 125 -7.63 6.56 -15.45
C ASP B 125 -7.86 5.06 -15.38
N PHE B 126 -7.95 4.43 -16.54
CA PHE B 126 -8.21 2.99 -16.60
C PHE B 126 -6.92 2.22 -16.38
N MET B 127 -6.94 1.30 -15.42
CA MET B 127 -5.79 0.46 -15.11
C MET B 127 -6.07 -0.97 -15.58
N GLU B 128 -5.12 -1.53 -16.33
CA GLU B 128 -5.36 -2.82 -16.98
C GLU B 128 -5.47 -3.95 -15.96
N THR B 129 -4.63 -3.95 -14.94
CA THR B 129 -4.60 -5.06 -14.00
C THR B 129 -4.14 -4.54 -12.64
N ASP B 130 -3.94 -5.46 -11.70
CA ASP B 130 -3.46 -5.15 -10.37
C ASP B 130 -2.40 -6.17 -9.98
N LEU B 131 -1.76 -5.94 -8.83
CA LEU B 131 -0.69 -6.82 -8.39
C LEU B 131 -1.21 -8.16 -7.87
N GLU B 132 -2.47 -8.22 -7.43
CA GLU B 132 -3.02 -9.49 -6.98
C GLU B 132 -3.09 -10.50 -8.11
N VAL B 133 -3.55 -10.06 -9.29
CA VAL B 133 -3.59 -10.95 -10.45
C VAL B 133 -2.18 -11.34 -10.88
N ILE B 134 -1.22 -10.43 -10.76
CA ILE B 134 0.16 -10.76 -11.09
C ILE B 134 0.68 -11.85 -10.17
N ILE B 135 0.44 -11.71 -8.87
CA ILE B 135 0.93 -12.67 -7.89
C ILE B 135 0.25 -14.02 -8.09
N LYS B 136 -1.07 -14.03 -8.29
CA LYS B 136 -1.82 -15.27 -8.34
C LYS B 136 -1.68 -16.03 -9.65
N ASP B 137 -1.08 -15.43 -10.68
CA ASP B 137 -0.88 -16.12 -11.95
C ASP B 137 0.40 -16.94 -11.87
N ASN B 138 0.27 -18.26 -11.91
CA ASN B 138 1.42 -19.15 -11.86
C ASN B 138 2.22 -19.17 -13.15
N SER B 139 1.65 -18.65 -14.26
CA SER B 139 2.37 -18.61 -15.52
C SER B 139 3.36 -17.46 -15.61
N LEU B 140 3.36 -16.55 -14.64
CA LEU B 140 4.27 -15.42 -14.63
C LEU B 140 5.42 -15.68 -13.67
N VAL B 141 6.64 -15.36 -14.11
CA VAL B 141 7.83 -15.46 -13.28
C VAL B 141 8.15 -14.07 -12.74
N LEU B 142 8.33 -13.96 -11.43
CA LEU B 142 8.64 -12.69 -10.78
C LEU B 142 10.12 -12.66 -10.46
N THR B 143 10.92 -12.22 -11.44
CA THR B 143 12.35 -12.12 -11.27
C THR B 143 12.68 -11.01 -10.28
N PRO B 144 13.90 -11.03 -9.71
CA PRO B 144 14.29 -9.96 -8.78
C PRO B 144 14.15 -8.56 -9.37
N SER B 145 14.42 -8.40 -10.67
CA SER B 145 14.23 -7.09 -11.29
C SER B 145 12.76 -6.67 -11.29
N HIS B 146 11.84 -7.60 -11.58
CA HIS B 146 10.42 -7.27 -11.56
C HIS B 146 9.97 -6.87 -10.16
N ILE B 147 10.40 -7.63 -9.15
CA ILE B 147 10.06 -7.32 -7.77
C ILE B 147 10.63 -5.96 -7.39
N LYS B 148 11.85 -5.67 -7.81
CA LYS B 148 12.47 -4.38 -7.54
C LYS B 148 11.69 -3.24 -8.19
N ALA B 149 11.23 -3.45 -9.43
CA ALA B 149 10.48 -2.41 -10.12
C ALA B 149 9.15 -2.12 -9.43
N TYR B 150 8.42 -3.17 -9.06
CA TYR B 150 7.17 -2.97 -8.33
C TYR B 150 7.42 -2.28 -7.00
N MET B 151 8.47 -2.71 -6.28
CA MET B 151 8.84 -2.08 -5.02
C MET B 151 9.15 -0.60 -5.21
N LEU B 152 9.92 -0.29 -6.25
CA LEU B 152 10.35 1.09 -6.48
C LEU B 152 9.15 1.98 -6.80
N MET B 153 8.27 1.52 -7.68
CA MET B 153 7.10 2.33 -8.03
C MET B 153 6.21 2.55 -6.82
N THR B 154 5.98 1.47 -6.04
CA THR B 154 5.15 1.61 -4.85
C THR B 154 5.76 2.59 -3.87
N LEU B 155 7.07 2.49 -3.64
CA LEU B 155 7.73 3.36 -2.67
C LEU B 155 7.78 4.80 -3.14
N GLN B 156 7.94 5.04 -4.44
CA GLN B 156 7.98 6.42 -4.94
C GLN B 156 6.60 7.06 -4.82
N GLY B 157 5.55 6.33 -5.22
CA GLY B 157 4.21 6.84 -5.00
C GLY B 157 3.92 7.09 -3.54
N LEU B 158 4.36 6.17 -2.68
CA LEU B 158 4.15 6.33 -1.25
C LEU B 158 4.95 7.49 -0.67
N GLU B 159 6.16 7.74 -1.20
CA GLU B 159 6.96 8.86 -0.73
C GLU B 159 6.32 10.18 -1.10
N TYR B 160 5.79 10.29 -2.32
CA TYR B 160 5.04 11.50 -2.66
C TYR B 160 3.80 11.63 -1.78
N LEU B 161 3.08 10.53 -1.56
CA LEU B 161 1.86 10.58 -0.76
C LEU B 161 2.17 11.01 0.68
N HIS B 162 3.24 10.48 1.27
CA HIS B 162 3.58 10.81 2.64
C HIS B 162 4.19 12.19 2.76
N GLN B 163 4.86 12.67 1.71
CA GLN B 163 5.39 14.03 1.71
C GLN B 163 4.25 15.04 1.79
N HIS B 164 3.16 14.77 1.08
CA HIS B 164 1.95 15.59 1.17
C HIS B 164 1.05 15.17 2.33
N TRP B 165 1.57 14.35 3.24
CA TRP B 165 0.93 14.08 4.54
C TRP B 165 -0.38 13.33 4.38
N ILE B 166 -0.39 12.30 3.55
CA ILE B 166 -1.56 11.44 3.35
C ILE B 166 -1.12 9.99 3.49
N LEU B 167 -1.83 9.23 4.32
CA LEU B 167 -1.63 7.80 4.48
C LEU B 167 -2.65 7.05 3.63
N HIS B 168 -2.19 6.09 2.84
CA HIS B 168 -3.11 5.33 1.99
C HIS B 168 -4.03 4.45 2.83
N ARG B 169 -3.47 3.67 3.76
CA ARG B 169 -4.17 2.85 4.73
C ARG B 169 -4.94 1.69 4.12
N ASP B 170 -4.80 1.42 2.83
CA ASP B 170 -5.41 0.25 2.23
C ASP B 170 -4.48 -0.38 1.20
N LEU B 171 -3.20 -0.45 1.52
CA LEU B 171 -2.23 -1.00 0.58
C LEU B 171 -2.32 -2.52 0.56
N LYS B 172 -2.44 -3.07 -0.63
CA LYS B 172 -2.50 -4.51 -0.87
C LYS B 172 -2.37 -4.73 -2.37
N PRO B 173 -2.04 -5.94 -2.80
CA PRO B 173 -1.80 -6.15 -4.24
C PRO B 173 -2.96 -5.76 -5.14
N ASN B 174 -4.20 -5.94 -4.69
CA ASN B 174 -5.34 -5.54 -5.52
C ASN B 174 -5.56 -4.04 -5.53
N ASN B 175 -4.97 -3.29 -4.60
CA ASN B 175 -5.01 -1.84 -4.60
C ASN B 175 -3.80 -1.21 -5.29
N LEU B 176 -2.88 -2.02 -5.79
CA LEU B 176 -1.73 -1.55 -6.55
C LEU B 176 -2.01 -1.86 -8.02
N LEU B 177 -2.54 -0.89 -8.74
CA LEU B 177 -3.02 -1.14 -10.09
C LEU B 177 -1.91 -0.90 -11.10
N LEU B 178 -1.93 -1.69 -12.17
CA LEU B 178 -0.99 -1.56 -13.27
C LEU B 178 -1.77 -1.23 -14.54
N ASP B 179 -1.13 -0.47 -15.43
CA ASP B 179 -1.72 -0.09 -16.71
C ASP B 179 -0.99 -0.81 -17.84
N GLU B 180 -1.37 -0.48 -19.07
CA GLU B 180 -0.79 -1.12 -20.24
C GLU B 180 0.65 -0.66 -20.51
N ASN B 181 1.18 0.25 -19.70
CA ASN B 181 2.56 0.70 -19.83
C ASN B 181 3.38 0.40 -18.59
N GLY B 182 2.85 -0.38 -17.65
CA GLY B 182 3.64 -0.87 -16.53
C GLY B 182 3.78 0.09 -15.37
N VAL B 183 3.10 1.23 -15.39
CA VAL B 183 3.21 2.20 -14.31
C VAL B 183 2.28 1.77 -13.18
N LEU B 184 2.86 1.38 -12.05
CA LEU B 184 2.05 1.07 -10.88
C LEU B 184 1.48 2.36 -10.29
N LYS B 185 0.26 2.25 -9.77
CA LYS B 185 -0.39 3.38 -9.13
C LYS B 185 -1.11 2.89 -7.88
N LEU B 186 -0.96 3.64 -6.79
CA LEU B 186 -1.80 3.46 -5.62
C LEU B 186 -3.22 3.86 -5.98
N ALA B 187 -4.19 3.05 -5.59
CA ALA B 187 -5.58 3.32 -5.90
C ALA B 187 -6.44 2.97 -4.69
N ASP B 188 -7.75 3.15 -4.85
CA ASP B 188 -8.73 2.94 -3.79
C ASP B 188 -8.37 3.80 -2.57
N PHE B 189 -8.51 5.10 -2.75
CA PHE B 189 -8.26 6.07 -1.71
C PHE B 189 -9.46 6.30 -0.81
N GLY B 190 -10.44 5.40 -0.84
CA GLY B 190 -11.58 5.50 0.06
C GLY B 190 -11.24 5.33 1.52
N LEU B 191 -10.07 4.79 1.83
CA LEU B 191 -9.59 4.69 3.20
C LEU B 191 -8.46 5.67 3.51
N ALA B 192 -7.91 6.34 2.50
CA ALA B 192 -6.80 7.24 2.72
C ALA B 192 -7.19 8.41 3.62
N LYS B 193 -6.23 8.87 4.41
CA LYS B 193 -6.48 9.91 5.39
C LYS B 193 -5.21 10.72 5.60
N SER B 194 -5.36 12.03 5.69
CA SER B 194 -4.23 12.89 5.98
C SER B 194 -3.70 12.61 7.39
N PHE B 195 -2.38 12.66 7.53
CA PHE B 195 -1.74 12.44 8.82
C PHE B 195 -0.79 13.58 9.13
N GLY B 196 -0.54 13.78 10.42
CA GLY B 196 0.31 14.86 10.87
C GLY B 196 -0.33 15.73 11.93
N SER B 197 -1.67 15.68 12.00
CA SER B 197 -2.42 16.45 12.98
C SER B 197 -2.78 15.56 14.15
N PRO B 198 -2.36 15.90 15.39
CA PRO B 198 -2.73 15.10 16.57
C PRO B 198 -4.21 15.14 16.87
N VAL B 206 -8.81 -0.66 9.44
CA VAL B 206 -7.77 -0.05 8.63
C VAL B 206 -6.82 -1.11 8.08
N VAL B 207 -6.72 -1.16 6.76
CA VAL B 207 -5.89 -2.11 6.01
C VAL B 207 -6.52 -3.49 6.10
N THR B 208 -6.41 -4.26 5.02
CA THR B 208 -6.83 -5.66 5.06
C THR B 208 -6.03 -6.41 6.12
N ARG B 209 -6.69 -7.40 6.74
CA ARG B 209 -6.08 -8.12 7.87
C ARG B 209 -4.71 -8.67 7.52
N TRP B 210 -4.58 -9.27 6.33
CA TRP B 210 -3.32 -9.91 5.97
C TRP B 210 -2.16 -8.91 5.92
N TYR B 211 -2.43 -7.71 5.41
CA TYR B 211 -1.40 -6.69 5.23
C TYR B 211 -1.44 -5.64 6.32
N ARG B 212 -2.24 -5.86 7.36
CA ARG B 212 -2.34 -4.90 8.45
C ARG B 212 -1.05 -4.90 9.27
N ALA B 213 -0.57 -3.71 9.59
CA ALA B 213 0.62 -3.59 10.43
C ALA B 213 0.31 -4.05 11.85
N PRO B 214 1.31 -4.55 12.58
CA PRO B 214 1.06 -4.99 13.96
C PRO B 214 0.56 -3.87 14.86
N GLU B 215 1.01 -2.63 14.65
CA GLU B 215 0.49 -1.53 15.45
C GLU B 215 -1.00 -1.33 15.19
N LEU B 216 -1.42 -1.43 13.92
CA LEU B 216 -2.85 -1.38 13.62
C LEU B 216 -3.58 -2.57 14.20
N LEU B 217 -3.01 -3.78 14.05
CA LEU B 217 -3.63 -4.96 14.63
C LEU B 217 -3.67 -4.87 16.14
N PHE B 218 -2.77 -4.10 16.74
CA PHE B 218 -2.74 -3.95 18.19
C PHE B 218 -3.53 -2.74 18.66
N GLY B 219 -4.19 -2.02 17.75
CA GLY B 219 -5.13 -0.98 18.11
C GLY B 219 -4.64 0.45 18.01
N ALA B 220 -3.58 0.72 17.26
CA ALA B 220 -3.04 2.07 17.16
C ALA B 220 -4.02 3.05 16.56
N ARG B 221 -4.52 4.00 17.37
CA ARG B 221 -5.36 5.07 16.83
C ARG B 221 -4.54 6.07 16.04
N MET B 222 -3.40 6.49 16.59
CA MET B 222 -2.50 7.42 15.92
C MET B 222 -1.31 6.65 15.36
N TYR B 223 -0.99 6.91 14.10
CA TYR B 223 0.07 6.17 13.43
C TYR B 223 0.59 7.00 12.26
N GLY B 224 1.75 6.60 11.77
CA GLY B 224 2.39 7.32 10.68
C GLY B 224 2.58 6.48 9.44
N VAL B 225 3.67 6.72 8.71
CA VAL B 225 3.92 6.07 7.43
C VAL B 225 4.10 4.57 7.59
N GLY B 226 4.43 4.10 8.79
CA GLY B 226 4.73 2.68 8.96
C GLY B 226 3.58 1.77 8.58
N VAL B 227 2.35 2.21 8.85
CA VAL B 227 1.18 1.39 8.51
C VAL B 227 1.07 1.15 7.02
N ASP B 228 1.62 2.06 6.21
CA ASP B 228 1.77 1.74 4.79
C ASP B 228 3.02 0.89 4.55
N MET B 229 4.12 1.25 5.20
CA MET B 229 5.39 0.56 4.98
C MET B 229 5.26 -0.93 5.25
N TRP B 230 4.65 -1.29 6.38
CA TRP B 230 4.44 -2.70 6.69
C TRP B 230 3.67 -3.40 5.59
N ALA B 231 2.60 -2.76 5.09
CA ALA B 231 1.86 -3.35 3.99
C ALA B 231 2.78 -3.54 2.79
N VAL B 232 3.62 -2.54 2.50
CA VAL B 232 4.57 -2.64 1.41
C VAL B 232 5.51 -3.82 1.65
N GLY B 233 5.85 -4.07 2.91
CA GLY B 233 6.62 -5.27 3.22
C GLY B 233 5.85 -6.54 2.87
N CYS B 234 4.59 -6.61 3.32
CA CYS B 234 3.81 -7.82 3.10
C CYS B 234 3.64 -8.09 1.62
N ILE B 235 3.29 -7.05 0.86
CA ILE B 235 3.21 -7.17 -0.59
C ILE B 235 4.53 -7.70 -1.13
N LEU B 236 5.64 -7.11 -0.67
CA LEU B 236 6.96 -7.59 -1.07
C LEU B 236 7.09 -9.09 -0.82
N ALA B 237 6.75 -9.53 0.40
CA ALA B 237 6.82 -10.94 0.70
C ALA B 237 5.89 -11.74 -0.19
N GLU B 238 4.67 -11.22 -0.42
CA GLU B 238 3.76 -11.90 -1.33
C GLU B 238 4.31 -11.96 -2.73
N LEU B 239 5.11 -10.97 -3.12
CA LEU B 239 5.77 -11.03 -4.42
C LEU B 239 6.84 -12.11 -4.44
N LEU B 240 7.53 -12.31 -3.32
CA LEU B 240 8.62 -13.29 -3.28
C LEU B 240 8.10 -14.72 -3.18
N LEU B 241 6.98 -14.93 -2.50
CA LEU B 241 6.45 -16.27 -2.25
C LEU B 241 5.30 -16.65 -3.17
N ARG B 242 4.75 -15.70 -3.94
CA ARG B 242 3.60 -15.94 -4.81
C ARG B 242 2.39 -16.44 -4.03
N VAL B 243 2.28 -16.04 -2.76
CA VAL B 243 1.26 -16.52 -1.84
C VAL B 243 1.16 -15.48 -0.72
N PRO B 244 -0.02 -15.28 -0.12
CA PRO B 244 -0.12 -14.31 0.97
C PRO B 244 0.82 -14.66 2.11
N PHE B 245 1.69 -13.72 2.46
CA PHE B 245 2.74 -13.98 3.44
C PHE B 245 2.17 -14.37 4.79
N LEU B 246 1.16 -13.65 5.26
CA LEU B 246 0.60 -13.83 6.60
C LEU B 246 -0.91 -13.90 6.50
N PRO B 247 -1.44 -15.02 6.00
CA PRO B 247 -2.91 -15.15 5.77
C PRO B 247 -3.69 -15.54 7.02
N GLY B 248 -3.96 -14.55 7.87
CA GLY B 248 -4.67 -14.79 9.10
C GLY B 248 -6.18 -14.91 8.91
N ASP B 249 -6.86 -15.24 10.00
CA ASP B 249 -8.31 -15.38 10.04
C ASP B 249 -8.97 -14.27 10.85
N SER B 250 -8.54 -14.09 12.09
CA SER B 250 -9.02 -13.02 12.96
C SER B 250 -7.86 -12.11 13.32
N ASP B 251 -8.15 -11.07 14.10
CA ASP B 251 -7.10 -10.17 14.55
C ASP B 251 -6.12 -10.86 15.50
N LEU B 252 -6.46 -12.03 16.01
CA LEU B 252 -5.55 -12.83 16.82
C LEU B 252 -4.66 -13.72 15.93
N ASP B 253 -5.26 -14.38 14.94
CA ASP B 253 -4.49 -15.27 14.08
C ASP B 253 -3.49 -14.50 13.22
N GLN B 254 -3.84 -13.28 12.82
CA GLN B 254 -2.90 -12.48 12.02
C GLN B 254 -1.63 -12.18 12.81
N LEU B 255 -1.79 -11.71 14.06
CA LEU B 255 -0.63 -11.47 14.90
C LEU B 255 0.10 -12.76 15.24
N THR B 256 -0.65 -13.87 15.38
CA THR B 256 -0.01 -15.15 15.63
C THR B 256 0.92 -15.53 14.48
N ARG B 257 0.44 -15.39 13.25
CA ARG B 257 1.28 -15.68 12.09
C ARG B 257 2.46 -14.72 12.00
N ILE B 258 2.22 -13.43 12.26
CA ILE B 258 3.29 -12.44 12.21
C ILE B 258 4.41 -12.83 13.17
N PHE B 259 4.04 -13.19 14.40
CA PHE B 259 5.04 -13.49 15.41
C PHE B 259 5.68 -14.86 15.22
N GLU B 260 4.94 -15.83 14.65
CA GLU B 260 5.56 -17.13 14.38
C GLU B 260 6.51 -17.05 13.20
N THR B 261 6.30 -16.11 12.29
CA THR B 261 7.19 -16.00 11.13
C THR B 261 8.39 -15.09 11.40
N LEU B 262 8.14 -13.89 11.91
CA LEU B 262 9.21 -12.92 12.11
C LEU B 262 9.77 -12.90 13.53
N GLY B 263 9.17 -13.66 14.44
CA GLY B 263 9.63 -13.64 15.81
C GLY B 263 8.80 -12.69 16.66
N THR B 264 8.48 -13.08 17.88
CA THR B 264 7.72 -12.22 18.76
C THR B 264 8.57 -11.01 19.15
N PRO B 265 8.14 -9.79 18.82
CA PRO B 265 8.94 -8.62 19.20
C PRO B 265 9.00 -8.43 20.70
N THR B 266 10.11 -7.88 21.15
CA THR B 266 10.31 -7.54 22.56
C THR B 266 10.48 -6.04 22.67
N GLU B 267 10.68 -5.56 23.90
CA GLU B 267 10.71 -4.13 24.14
C GLU B 267 11.89 -3.44 23.46
N GLU B 268 13.01 -4.14 23.31
CA GLU B 268 14.15 -3.54 22.61
C GLU B 268 13.81 -3.29 21.14
N GLN B 269 13.12 -4.24 20.50
CA GLN B 269 12.77 -4.09 19.09
C GLN B 269 11.58 -3.17 18.86
N TRP B 270 10.77 -2.92 19.88
CA TRP B 270 9.57 -2.12 19.72
C TRP B 270 9.15 -1.55 21.07
N PRO B 271 9.77 -0.46 21.50
CA PRO B 271 9.43 0.11 22.81
C PRO B 271 8.01 0.66 22.83
N ASP B 272 7.40 0.60 24.02
CA ASP B 272 6.02 1.00 24.25
C ASP B 272 5.02 0.19 23.43
N MET B 273 5.41 -1.01 22.97
CA MET B 273 4.47 -1.86 22.26
C MET B 273 3.30 -2.25 23.12
N CYS B 274 3.49 -2.29 24.45
CA CYS B 274 2.44 -2.67 25.38
C CYS B 274 1.47 -1.54 25.68
N SER B 275 1.71 -0.34 25.15
CA SER B 275 0.82 0.79 25.36
C SER B 275 -0.29 0.87 24.33
N LEU B 276 -0.21 0.09 23.26
CA LEU B 276 -1.27 0.09 22.25
C LEU B 276 -2.56 -0.48 22.86
N PRO B 277 -3.72 0.05 22.46
CA PRO B 277 -4.96 -0.28 23.19
C PRO B 277 -5.32 -1.75 23.18
N ASP B 278 -5.31 -2.39 22.01
CA ASP B 278 -5.68 -3.80 21.89
C ASP B 278 -4.51 -4.74 22.08
N TYR B 279 -3.49 -4.33 22.83
CA TYR B 279 -2.27 -5.13 22.92
C TYR B 279 -2.51 -6.41 23.71
N VAL B 280 -2.31 -7.55 23.05
CA VAL B 280 -2.33 -8.86 23.67
C VAL B 280 -0.98 -9.51 23.43
N THR B 281 -0.35 -9.97 24.51
CA THR B 281 1.00 -10.53 24.43
C THR B 281 0.94 -12.00 24.04
N PHE B 282 1.65 -12.35 22.98
CA PHE B 282 1.70 -13.71 22.48
C PHE B 282 2.90 -14.43 23.09
N LYS B 283 3.21 -15.61 22.56
CA LYS B 283 4.32 -16.42 23.05
C LYS B 283 5.60 -16.04 22.33
N SER B 284 6.73 -16.34 22.97
CA SER B 284 8.03 -16.01 22.41
C SER B 284 8.39 -16.96 21.27
N PHE B 285 7.97 -16.62 20.06
CA PHE B 285 8.34 -17.42 18.90
C PHE B 285 9.69 -16.98 18.38
N PRO B 286 10.64 -17.89 18.18
CA PRO B 286 11.96 -17.49 17.66
C PRO B 286 11.88 -16.77 16.33
N GLY B 287 10.98 -17.18 15.45
CA GLY B 287 10.85 -16.55 14.15
C GLY B 287 11.82 -17.13 13.15
N ILE B 288 11.31 -17.58 12.00
CA ILE B 288 12.18 -18.17 10.99
C ILE B 288 13.17 -17.12 10.50
N PRO B 289 14.46 -17.45 10.36
CA PRO B 289 15.40 -16.48 9.79
C PRO B 289 14.95 -16.04 8.40
N LEU B 290 15.15 -14.75 8.13
CA LEU B 290 14.64 -14.16 6.90
C LEU B 290 15.20 -14.84 5.66
N HIS B 291 16.44 -15.30 5.72
CA HIS B 291 17.04 -15.98 4.58
C HIS B 291 16.54 -17.41 4.40
N HIS B 292 15.82 -17.96 5.38
CA HIS B 292 15.15 -19.24 5.17
C HIS B 292 13.78 -19.06 4.53
N ILE B 293 13.01 -18.06 4.97
CA ILE B 293 11.72 -17.77 4.35
C ILE B 293 11.91 -17.38 2.90
N PHE B 294 12.74 -16.36 2.67
CA PHE B 294 13.06 -15.90 1.32
C PHE B 294 14.46 -16.41 0.98
N SER B 295 14.51 -17.67 0.55
CA SER B 295 15.79 -18.32 0.28
C SER B 295 16.49 -17.76 -0.94
N ALA B 296 15.76 -17.13 -1.85
CA ALA B 296 16.37 -16.53 -3.04
C ALA B 296 16.70 -15.06 -2.86
N ALA B 297 16.41 -14.48 -1.69
CA ALA B 297 16.64 -13.07 -1.46
C ALA B 297 18.13 -12.82 -1.19
N GLY B 298 18.69 -11.82 -1.86
CA GLY B 298 20.05 -11.41 -1.59
C GLY B 298 20.16 -10.66 -0.27
N ASP B 299 21.40 -10.36 0.09
CA ASP B 299 21.64 -9.68 1.37
C ASP B 299 21.02 -8.27 1.38
N ASP B 300 21.13 -7.55 0.27
CA ASP B 300 20.50 -6.23 0.19
C ASP B 300 18.98 -6.33 0.25
N LEU B 301 18.41 -7.31 -0.47
CA LEU B 301 16.97 -7.52 -0.41
C LEU B 301 16.54 -7.93 0.99
N LEU B 302 17.34 -8.77 1.65
CA LEU B 302 17.04 -9.15 3.02
C LEU B 302 17.08 -7.93 3.94
N ASP B 303 18.01 -7.01 3.69
CA ASP B 303 18.07 -5.78 4.48
C ASP B 303 16.83 -4.93 4.24
N LEU B 304 16.38 -4.83 3.00
CA LEU B 304 15.16 -4.08 2.71
C LEU B 304 13.96 -4.71 3.41
N ILE B 305 13.84 -6.04 3.35
CA ILE B 305 12.73 -6.73 4.01
C ILE B 305 12.79 -6.51 5.51
N GLN B 306 13.98 -6.61 6.10
CA GLN B 306 14.13 -6.38 7.53
C GLN B 306 13.73 -4.95 7.89
N GLY B 307 14.11 -3.98 7.07
CA GLY B 307 13.71 -2.61 7.34
C GLY B 307 12.21 -2.40 7.26
N LEU B 308 11.57 -2.97 6.24
CA LEU B 308 10.13 -2.84 6.10
C LEU B 308 9.37 -3.61 7.18
N PHE B 309 9.97 -4.64 7.77
CA PHE B 309 9.29 -5.49 8.74
C PHE B 309 9.79 -5.27 10.16
N LEU B 310 10.45 -4.15 10.42
CA LEU B 310 10.76 -3.80 11.80
C LEU B 310 9.47 -3.54 12.57
N PHE B 311 9.37 -4.14 13.76
CA PHE B 311 8.16 -3.99 14.55
C PHE B 311 7.99 -2.58 15.09
N ASN B 312 9.08 -1.85 15.25
CA ASN B 312 9.00 -0.45 15.65
C ASN B 312 8.64 0.40 14.44
N PRO B 313 7.45 1.03 14.42
CA PRO B 313 7.09 1.84 13.25
C PRO B 313 7.97 3.06 13.07
N CYS B 314 8.48 3.64 14.16
CA CYS B 314 9.44 4.74 14.02
C CYS B 314 10.74 4.24 13.40
N ALA B 315 11.23 3.08 13.86
CA ALA B 315 12.44 2.52 13.28
C ALA B 315 12.18 1.91 11.90
N ARG B 316 10.95 1.47 11.65
CA ARG B 316 10.60 0.94 10.34
C ARG B 316 10.92 1.98 9.27
N ILE B 317 11.55 1.53 8.19
CA ILE B 317 12.08 2.46 7.21
C ILE B 317 10.94 3.21 6.54
N THR B 318 11.07 4.53 6.44
CA THR B 318 10.13 5.32 5.68
C THR B 318 10.33 5.06 4.19
N ALA B 319 9.44 5.65 3.37
CA ALA B 319 9.55 5.45 1.94
C ALA B 319 10.84 6.03 1.39
N THR B 320 11.25 7.21 1.87
CA THR B 320 12.45 7.85 1.36
C THR B 320 13.70 7.03 1.67
N GLN B 321 13.88 6.67 2.94
CA GLN B 321 15.08 5.91 3.30
C GLN B 321 15.03 4.48 2.78
N ALA B 322 13.84 3.93 2.56
CA ALA B 322 13.74 2.68 1.82
C ALA B 322 14.24 2.85 0.40
N LEU B 323 13.88 3.96 -0.24
CA LEU B 323 14.38 4.25 -1.58
C LEU B 323 15.88 4.46 -1.58
N LYS B 324 16.44 4.91 -0.44
CA LYS B 324 17.88 5.13 -0.34
C LYS B 324 18.67 3.87 0.01
N MET B 325 18.01 2.75 0.29
CA MET B 325 18.72 1.52 0.60
C MET B 325 19.46 1.01 -0.64
N LYS B 326 20.58 0.32 -0.39
CA LYS B 326 21.43 -0.15 -1.49
C LYS B 326 20.75 -1.18 -2.37
N TYR B 327 19.67 -1.80 -1.90
CA TYR B 327 18.98 -2.81 -2.70
C TYR B 327 18.52 -2.24 -4.03
N PHE B 328 18.01 -1.00 -4.02
CA PHE B 328 17.51 -0.40 -5.26
C PHE B 328 18.64 0.07 -6.16
N SER B 329 19.74 0.55 -5.59
CA SER B 329 20.88 0.99 -6.39
C SER B 329 21.82 -0.15 -6.75
N ASN B 330 21.61 -1.34 -6.22
CA ASN B 330 22.46 -2.48 -6.53
C ASN B 330 22.08 -3.09 -7.88
N ARG B 331 22.95 -3.96 -8.36
CA ARG B 331 22.65 -4.70 -9.58
C ARG B 331 21.80 -5.93 -9.25
N PRO B 332 20.82 -6.25 -10.10
CA PRO B 332 20.42 -5.54 -11.32
C PRO B 332 19.49 -4.38 -11.00
N GLY B 333 19.42 -3.39 -11.88
CA GLY B 333 18.48 -2.30 -11.70
C GLY B 333 17.07 -2.74 -11.94
N PRO B 334 16.10 -1.99 -11.42
CA PRO B 334 14.69 -2.33 -11.65
C PRO B 334 14.37 -2.36 -13.13
N THR B 335 13.59 -3.34 -13.54
CA THR B 335 13.23 -3.47 -14.94
C THR B 335 12.32 -2.32 -15.35
N PRO B 336 12.42 -1.85 -16.59
CA PRO B 336 11.51 -0.79 -17.04
C PRO B 336 10.06 -1.25 -17.00
N GLY B 337 9.16 -0.30 -16.75
CA GLY B 337 7.76 -0.63 -16.59
C GLY B 337 7.18 -1.31 -17.81
N CYS B 338 7.65 -0.92 -19.00
CA CYS B 338 7.17 -1.54 -20.23
C CYS B 338 7.57 -3.00 -20.36
N GLN B 339 8.54 -3.44 -19.56
CA GLN B 339 9.01 -4.83 -19.59
C GLN B 339 8.54 -5.64 -18.39
N LEU B 340 7.63 -5.10 -17.57
CA LEU B 340 7.07 -5.86 -16.47
C LEU B 340 6.09 -6.91 -17.01
N PRO B 341 5.91 -8.01 -16.29
CA PRO B 341 5.05 -9.09 -16.81
C PRO B 341 3.58 -8.66 -16.86
N ARG B 342 2.89 -9.12 -17.90
CA ARG B 342 1.47 -8.86 -18.10
C ARG B 342 0.67 -10.12 -17.87
N PRO B 343 -0.37 -10.07 -17.04
CA PRO B 343 -1.16 -11.29 -16.79
C PRO B 343 -2.03 -11.63 -17.98
N ASN B 344 -1.64 -12.68 -18.70
CA ASN B 344 -2.35 -13.08 -19.93
C ASN B 344 -2.62 -14.58 -19.95
C2 WD9 C . -10.23 2.73 -10.22
C3 WD9 C . -11.75 2.89 -10.04
C4 WD9 C . -9.93 1.79 -11.37
C5 WD9 C . -10.35 0.44 -11.48
C9 WD9 C . -10.15 -1.30 -12.96
C12 WD9 C . -9.20 2.08 -12.52
C1 WD9 C . -9.59 2.27 -8.91
N6 WD9 C . -11.07 -0.36 -10.65
C7 WD9 C . -11.33 -1.61 -11.00
N8 WD9 C . -10.86 -2.09 -12.15
N10 WD9 C . -9.89 -0.02 -12.60
N11 WD9 C . -9.18 0.99 -13.28
N13 WD9 C . -9.64 -1.81 -14.23
C14 WD9 C . -9.72 -3.22 -14.62
C15 WD9 C . -9.15 -4.21 -13.59
C16 WD9 C . -8.24 -3.78 -12.64
C17 WD9 C . -7.73 -4.65 -11.69
C18 WD9 C . -8.13 -5.98 -11.69
C19 WD9 C . -9.04 -6.42 -12.64
C20 WD9 C . -9.57 -5.55 -13.58
N21 WD9 C . -10.52 -6.09 -14.54
C22 WD9 C . -10.44 -6.02 -15.86
C23 WD9 C . -11.54 -6.66 -16.37
C24 WD9 C . -12.30 -7.12 -15.31
N25 WD9 C . -11.66 -6.76 -14.19
O26 WD9 C . -12.08 -2.43 -10.14
C27 WD9 C . -12.10 -3.76 -10.60
C28 WD9 C . -11.54 -4.66 -9.56
C29 WD9 C . -12.57 -5.30 -8.70
C30 WD9 C . -13.83 -4.46 -8.55
N31 WD9 C . -14.47 -4.22 -9.87
C32 WD9 C . -13.53 -4.10 -11.01
#